data_5U2A
#
_entry.id   5U2A
#
_cell.length_a   61.600
_cell.length_b   92.200
_cell.length_c   141.190
_cell.angle_alpha   90.00
_cell.angle_beta   90.00
_cell.angle_gamma   90.00
#
_symmetry.space_group_name_H-M   'P 21 21 21'
#
loop_
_entity.id
_entity.type
_entity.pdbx_description
1 polymer 'AMP-dependent synthetase and ligase'
2 non-polymer 'CHLORIDE ION'
3 water water
#
_entity_poly.entity_id   1
_entity_poly.type   'polypeptide(L)'
_entity_poly.pdbx_seq_one_letter_code
;MAHHHHHHMTESPASARLDRYDDAVAQFDIAKAIALLAGNPDTGINACIECCDRYTGENRVALRAISIDNTLTELTFEDL
RDMSARVGNMLADAGISAGDVVAGLLPRTPELVATILGAWRIGAIYQPLFTAFGPKAIEQRFGTSGAKLVVTNLANRSKL
AEVENCPRVATILAPGESLPEGDIDFRAAVAAASTECEPVMRKGSDLFMMMSTSGTAGLPKGVPVPLRALMAFGAYMRDA
VGLRSDDIFWNIADPGWAYGLYYAVTGPLLLGVPTILNEGGFTAENTYDIIERLGVTSLAGSPTAFRLLIAAGPESAARV
KGRLRVVSSAGEPLNPEVIRWFDACLGAPIHDHYGQTELGMVVNNHHGLEHPVRQGSAGYAMPGYRVAVLDEAGKEVGPN
EPGVLAIDIDNSPLLWFTGYYKKDTPSISGGYYRTGDTVEFEPDGSISFIGRADDVITSSGYRIGPFDVESALLKHPAVN
EAAVVGVPDPQRTEIVKAFVILAPGFEGTPELAEELALHVKKQLSAHAYPRQIDFVAELPKTPSGKIQRFLLRKAEVEKQ
QQQN
;
_entity_poly.pdbx_strand_id   A
#
loop_
_chem_comp.id
_chem_comp.type
_chem_comp.name
_chem_comp.formula
CL non-polymer 'CHLORIDE ION' 'Cl -1'
#
# COMPACT_ATOMS: atom_id res chain seq x y z
N LEU A 18 5.70 -23.29 11.33
CA LEU A 18 4.89 -22.25 10.69
C LEU A 18 3.42 -22.61 10.58
N ASP A 19 2.55 -21.73 11.04
CA ASP A 19 1.13 -22.04 11.10
C ASP A 19 0.57 -22.35 9.72
N ARG A 20 -0.29 -23.37 9.66
CA ARG A 20 -1.04 -23.62 8.45
C ARG A 20 -2.16 -22.59 8.32
N TYR A 21 -2.37 -22.11 7.10
CA TYR A 21 -3.37 -21.09 6.86
C TYR A 21 -4.78 -21.63 7.04
N ASP A 22 -5.03 -22.86 6.56
CA ASP A 22 -6.31 -23.51 6.81
C ASP A 22 -6.66 -23.47 8.29
N ASP A 23 -5.72 -23.91 9.15
CA ASP A 23 -5.92 -23.86 10.59
C ASP A 23 -6.21 -22.43 11.05
N ALA A 24 -5.39 -21.46 10.62
CA ALA A 24 -5.58 -20.10 11.08
C ALA A 24 -6.95 -19.56 10.71
N VAL A 25 -7.57 -20.11 9.67
CA VAL A 25 -8.93 -19.70 9.31
C VAL A 25 -9.96 -20.36 10.22
N ALA A 26 -9.78 -21.65 10.52
CA ALA A 26 -10.73 -22.35 11.37
C ALA A 26 -10.61 -21.89 12.82
N GLN A 27 -9.44 -21.44 13.23
CA GLN A 27 -9.19 -21.07 14.61
C GLN A 27 -9.35 -19.59 14.86
N PHE A 28 -9.83 -18.82 13.88
CA PHE A 28 -9.90 -17.39 14.15
C PHE A 28 -11.02 -17.08 15.12
N ASP A 29 -10.76 -16.12 16.00
CA ASP A 29 -11.72 -15.65 16.98
C ASP A 29 -11.30 -14.23 17.37
N ILE A 30 -12.22 -13.29 17.23
CA ILE A 30 -11.90 -11.89 17.48
C ILE A 30 -11.34 -11.69 18.88
N ALA A 31 -11.82 -12.44 19.88
CA ALA A 31 -11.32 -12.27 21.25
C ALA A 31 -9.84 -12.61 21.34
N LYS A 32 -9.40 -13.65 20.64
CA LYS A 32 -7.98 -13.98 20.61
C LYS A 32 -7.17 -12.81 20.07
N ALA A 33 -7.76 -12.03 19.16
CA ALA A 33 -7.04 -10.89 18.59
C ALA A 33 -7.00 -9.72 19.55
N ILE A 34 -8.11 -9.47 20.25
CA ILE A 34 -8.12 -8.45 21.29
C ILE A 34 -7.12 -8.78 22.40
N ALA A 35 -6.97 -10.06 22.72
CA ALA A 35 -5.94 -10.47 23.68
C ALA A 35 -4.56 -9.93 23.32
N LEU A 36 -4.29 -9.72 22.04
CA LEU A 36 -2.95 -9.26 21.67
C LEU A 36 -2.74 -7.81 21.99
N LEU A 37 -3.82 -7.06 22.22
CA LEU A 37 -3.70 -5.67 22.58
C LEU A 37 -3.32 -5.54 24.05
N ALA A 38 -2.72 -4.40 24.40
CA ALA A 38 -2.51 -4.09 25.81
C ALA A 38 -3.82 -3.67 26.44
N GLY A 39 -4.61 -2.89 25.72
CA GLY A 39 -5.91 -2.47 26.13
C GLY A 39 -7.00 -3.33 25.54
N ASN A 40 -8.15 -2.72 25.33
CA ASN A 40 -9.37 -3.43 24.97
C ASN A 40 -10.31 -2.44 24.29
N PRO A 41 -10.87 -2.77 23.12
CA PRO A 41 -11.66 -1.78 22.37
C PRO A 41 -13.03 -1.47 22.98
N ASP A 42 -13.48 -2.19 24.02
CA ASP A 42 -14.70 -1.85 24.74
C ASP A 42 -14.47 -1.20 26.10
N THR A 43 -13.37 -1.55 26.76
CA THR A 43 -13.03 -1.05 28.08
C THR A 43 -12.20 0.23 27.99
N GLY A 44 -11.21 0.25 27.11
CA GLY A 44 -10.33 1.39 26.97
C GLY A 44 -9.06 1.06 26.19
N ILE A 45 -8.67 1.96 25.29
CA ILE A 45 -7.53 1.71 24.43
C ILE A 45 -6.92 3.04 24.03
N ASN A 46 -5.61 3.01 23.81
CA ASN A 46 -4.90 4.21 23.37
C ASN A 46 -3.76 3.76 22.48
N ALA A 47 -3.66 4.34 21.29
CA ALA A 47 -2.76 3.80 20.29
C ALA A 47 -1.31 3.96 20.72
N CYS A 48 -0.99 5.05 21.42
CA CYS A 48 0.37 5.26 21.89
C CYS A 48 0.76 4.17 22.89
N ILE A 49 -0.19 3.74 23.74
CA ILE A 49 0.10 2.59 24.60
C ILE A 49 0.44 1.38 23.74
N GLU A 50 -0.39 1.11 22.74
CA GLU A 50 -0.27 -0.11 21.96
C GLU A 50 0.97 -0.10 21.08
N CYS A 51 1.47 1.07 20.70
CA CYS A 51 2.65 1.10 19.83
C CYS A 51 3.90 1.64 20.51
N CYS A 52 3.90 1.80 21.84
CA CYS A 52 5.01 2.49 22.50
C CYS A 52 5.14 2.14 24.01
N ASP A 53 4.19 2.60 24.84
CA ASP A 53 4.36 2.45 26.28
C ASP A 53 4.45 0.97 26.68
N ARG A 54 3.60 0.12 26.09
CA ARG A 54 3.55 -1.27 26.49
C ARG A 54 4.85 -2.02 26.23
N TYR A 55 5.79 -1.42 25.49
CA TYR A 55 7.07 -2.05 25.21
C TYR A 55 8.24 -1.34 25.85
N THR A 56 8.00 -0.30 26.64
CA THR A 56 9.09 0.22 27.45
C THR A 56 9.43 -0.76 28.56
N GLY A 57 10.57 -0.53 29.19
CA GLY A 57 11.00 -1.30 30.34
C GLY A 57 12.25 -2.10 30.12
N GLU A 58 12.63 -2.34 28.86
CA GLU A 58 13.86 -3.03 28.51
C GLU A 58 14.85 -2.12 27.81
N ASN A 59 14.51 -0.85 27.64
CA ASN A 59 15.33 0.08 26.88
C ASN A 59 15.80 -0.51 25.55
N ARG A 60 14.88 -1.15 24.83
CA ARG A 60 15.27 -1.70 23.55
C ARG A 60 14.83 -0.80 22.39
N VAL A 61 15.58 -0.92 21.28
CA VAL A 61 15.49 0.02 20.18
C VAL A 61 14.16 -0.13 19.47
N ALA A 62 13.51 0.98 19.20
CA ALA A 62 12.26 0.99 18.44
C ALA A 62 12.36 1.64 17.08
N LEU A 63 13.26 2.60 16.92
CA LEU A 63 13.33 3.42 15.73
C LEU A 63 14.78 3.54 15.33
N ARG A 64 15.11 3.03 14.14
CA ARG A 64 16.40 3.24 13.49
C ARG A 64 16.17 4.22 12.37
N ALA A 65 16.72 5.42 12.51
CA ALA A 65 16.45 6.50 11.58
C ALA A 65 17.76 6.98 10.98
N ILE A 66 17.73 7.20 9.66
CA ILE A 66 18.88 7.65 8.89
C ILE A 66 18.55 9.03 8.35
N SER A 67 19.35 10.03 8.72
CA SER A 67 19.01 11.40 8.36
C SER A 67 19.44 11.68 6.92
N ILE A 68 19.09 12.87 6.43
CA ILE A 68 19.36 13.23 5.05
C ILE A 68 20.86 13.21 4.74
N ASP A 69 21.70 13.38 5.77
CA ASP A 69 23.14 13.22 5.66
C ASP A 69 23.62 11.83 6.09
N ASN A 70 22.71 10.86 6.11
CA ASN A 70 23.03 9.45 6.29
C ASN A 70 23.64 9.15 7.66
N THR A 71 23.34 9.99 8.66
CA THR A 71 23.68 9.67 10.05
C THR A 71 22.59 8.80 10.65
N LEU A 72 23.00 7.81 11.44
CA LEU A 72 22.05 6.92 12.10
C LEU A 72 21.70 7.41 13.49
N THR A 73 20.42 7.39 13.81
CA THR A 73 19.93 7.62 15.17
C THR A 73 19.07 6.43 15.56
N GLU A 74 19.35 5.86 16.73
CA GLU A 74 18.50 4.80 17.27
C GLU A 74 17.78 5.31 18.50
N LEU A 75 16.50 4.98 18.59
CA LEU A 75 15.65 5.47 19.65
C LEU A 75 14.91 4.29 20.25
N THR A 76 14.91 4.22 21.57
CA THR A 76 14.21 3.16 22.26
C THR A 76 12.73 3.49 22.35
N PHE A 77 11.95 2.48 22.73
CA PHE A 77 10.58 2.74 23.14
C PHE A 77 10.53 3.76 24.27
N GLU A 78 11.46 3.66 25.23
CA GLU A 78 11.53 4.68 26.28
C GLU A 78 11.71 6.07 25.67
N ASP A 79 12.68 6.21 24.75
CA ASP A 79 12.90 7.48 24.07
C ASP A 79 11.63 7.98 23.40
N LEU A 80 10.92 7.09 22.69
CA LEU A 80 9.71 7.51 22.01
C LEU A 80 8.67 7.97 23.01
N ARG A 81 8.51 7.24 24.12
CA ARG A 81 7.54 7.62 25.14
CA ARG A 81 7.51 7.64 25.10
C ARG A 81 7.76 9.05 25.59
N ASP A 82 9.01 9.40 25.91
CA ASP A 82 9.31 10.76 26.35
C ASP A 82 8.99 11.77 25.27
N MET A 83 9.33 11.47 24.00
CA MET A 83 8.95 12.37 22.91
C MET A 83 7.43 12.45 22.79
N SER A 84 6.76 11.30 22.87
CA SER A 84 5.31 11.26 22.80
C SER A 84 4.69 12.15 23.86
N ALA A 85 5.18 12.06 25.10
CA ALA A 85 4.63 12.86 26.18
C ALA A 85 4.92 14.35 25.96
N ARG A 86 6.14 14.68 25.54
CA ARG A 86 6.46 16.08 25.29
C ARG A 86 5.51 16.67 24.27
N VAL A 87 5.29 15.95 23.17
CA VAL A 87 4.39 16.44 22.13
C VAL A 87 2.97 16.54 22.65
N GLY A 88 2.49 15.48 23.31
CA GLY A 88 1.14 15.52 23.87
C GLY A 88 0.88 16.74 24.71
N ASN A 89 1.84 17.10 25.58
CA ASN A 89 1.69 18.34 26.32
C ASN A 89 1.65 19.53 25.38
N MET A 90 2.58 19.57 24.41
CA MET A 90 2.63 20.69 23.47
C MET A 90 1.30 20.87 22.76
N LEU A 91 0.71 19.78 22.26
CA LEU A 91 -0.56 19.86 21.57
C LEU A 91 -1.68 20.30 22.50
N ALA A 92 -1.73 19.71 23.70
CA ALA A 92 -2.74 20.08 24.68
C ALA A 92 -2.70 21.57 24.98
N ASP A 93 -1.51 22.11 25.27
CA ASP A 93 -1.39 23.54 25.55
C ASP A 93 -1.77 24.38 24.34
N ALA A 94 -1.61 23.84 23.12
CA ALA A 94 -1.98 24.55 21.92
C ALA A 94 -3.47 24.45 21.60
N GLY A 95 -4.23 23.69 22.38
CA GLY A 95 -5.68 23.64 22.23
C GLY A 95 -6.23 22.30 21.76
N ILE A 96 -5.38 21.31 21.54
CA ILE A 96 -5.84 20.03 20.99
C ILE A 96 -6.48 19.20 22.10
N SER A 97 -7.75 18.88 21.93
CA SER A 97 -8.45 17.94 22.78
C SER A 97 -8.66 16.64 22.03
N ALA A 98 -8.93 15.58 22.79
CA ALA A 98 -9.21 14.26 22.21
C ALA A 98 -10.30 14.34 21.15
N GLY A 99 -10.08 13.65 20.04
CA GLY A 99 -11.02 13.64 18.94
C GLY A 99 -10.83 14.76 17.94
N ASP A 100 -9.91 15.68 18.19
CA ASP A 100 -9.51 16.64 17.19
C ASP A 100 -8.47 16.02 16.26
N VAL A 101 -8.16 16.74 15.20
CA VAL A 101 -7.28 16.25 14.16
C VAL A 101 -6.03 17.11 14.12
N VAL A 102 -4.89 16.45 14.22
CA VAL A 102 -3.58 17.06 14.04
C VAL A 102 -3.01 16.52 12.74
N ALA A 103 -2.59 17.40 11.85
CA ALA A 103 -2.08 16.98 10.55
C ALA A 103 -0.57 17.11 10.53
N GLY A 104 0.07 16.22 9.78
CA GLY A 104 1.51 16.25 9.64
C GLY A 104 1.97 16.39 8.19
N LEU A 105 2.77 17.41 7.93
CA LEU A 105 3.41 17.67 6.64
C LEU A 105 4.90 17.56 6.88
N LEU A 106 5.40 16.33 6.94
CA LEU A 106 6.73 16.08 7.50
C LEU A 106 7.48 15.02 6.70
N PRO A 107 8.79 15.15 6.62
CA PRO A 107 9.59 14.05 6.06
C PRO A 107 9.75 12.91 7.05
N ARG A 108 10.60 11.96 6.73
CA ARG A 108 10.69 10.73 7.50
C ARG A 108 11.80 10.91 8.52
N THR A 109 11.44 11.43 9.68
CA THR A 109 12.35 11.77 10.76
C THR A 109 11.70 11.38 12.08
N PRO A 110 12.50 11.15 13.12
CA PRO A 110 11.93 10.81 14.43
C PRO A 110 10.86 11.79 14.90
N GLU A 111 10.99 13.07 14.58
CA GLU A 111 9.95 14.02 14.94
C GLU A 111 8.63 13.72 14.23
N LEU A 112 8.64 13.07 13.07
CA LEU A 112 7.37 12.63 12.50
C LEU A 112 6.70 11.63 13.42
N VAL A 113 7.46 10.64 13.89
CA VAL A 113 6.91 9.62 14.77
C VAL A 113 6.47 10.25 16.10
N ALA A 114 7.34 11.08 16.68
CA ALA A 114 6.98 11.85 17.86
C ALA A 114 5.63 12.54 17.70
N THR A 115 5.39 13.16 16.54
CA THR A 115 4.12 13.85 16.31
C THR A 115 2.96 12.88 16.31
N ILE A 116 3.14 11.69 15.74
CA ILE A 116 2.04 10.73 15.65
C ILE A 116 1.73 10.15 17.02
N LEU A 117 2.75 9.59 17.68
CA LEU A 117 2.51 9.01 19.00
C LEU A 117 2.01 10.08 19.96
N GLY A 118 2.53 11.30 19.86
CA GLY A 118 2.03 12.39 20.68
C GLY A 118 0.55 12.68 20.44
N ALA A 119 0.17 12.83 19.18
CA ALA A 119 -1.24 13.05 18.86
C ALA A 119 -2.09 11.91 19.41
N TRP A 120 -1.66 10.67 19.17
CA TRP A 120 -2.40 9.54 19.72
C TRP A 120 -2.42 9.57 21.24
N ARG A 121 -1.39 10.13 21.88
CA ARG A 121 -1.28 9.99 23.33
C ARG A 121 -2.42 10.72 24.04
N ILE A 122 -2.86 11.85 23.50
CA ILE A 122 -3.97 12.61 24.05
C ILE A 122 -5.29 12.29 23.32
N GLY A 123 -5.38 11.12 22.70
CA GLY A 123 -6.60 10.73 22.01
C GLY A 123 -6.94 11.51 20.75
N ALA A 124 -5.97 12.21 20.17
CA ALA A 124 -6.23 12.95 18.95
C ALA A 124 -6.14 12.05 17.73
N ILE A 125 -6.50 12.62 16.59
CA ILE A 125 -6.53 11.92 15.30
C ILE A 125 -5.39 12.47 14.46
N TYR A 126 -4.51 11.59 13.98
CA TYR A 126 -3.45 12.01 13.09
C TYR A 126 -3.89 11.95 11.63
N GLN A 127 -3.58 13.01 10.89
CA GLN A 127 -3.87 13.12 9.46
C GLN A 127 -2.58 13.32 8.67
N PRO A 128 -2.16 12.36 7.86
CA PRO A 128 -0.94 12.55 7.07
C PRO A 128 -1.15 13.43 5.85
N LEU A 129 -0.14 14.24 5.57
CA LEU A 129 -0.17 15.13 4.42
C LEU A 129 1.10 14.89 3.63
N PHE A 130 0.94 14.36 2.42
CA PHE A 130 2.09 14.01 1.60
C PHE A 130 2.96 15.23 1.34
N THR A 131 4.25 15.09 1.63
CA THR A 131 5.24 16.17 1.53
C THR A 131 5.29 16.84 0.15
N ALA A 132 4.66 16.28 -0.88
CA ALA A 132 4.65 16.88 -2.20
C ALA A 132 3.29 17.43 -2.61
N PHE A 133 2.34 17.49 -1.69
CA PHE A 133 1.03 18.06 -1.98
C PHE A 133 1.14 19.54 -2.30
N GLY A 134 0.44 19.97 -3.36
CA GLY A 134 0.25 21.37 -3.61
C GLY A 134 -0.63 21.99 -2.54
N PRO A 135 -0.72 23.31 -2.53
CA PRO A 135 -1.61 23.96 -1.54
C PRO A 135 -3.06 23.58 -1.73
N LYS A 136 -3.53 23.55 -2.98
CA LYS A 136 -4.92 23.19 -3.25
C LYS A 136 -5.26 21.83 -2.65
N ALA A 137 -4.38 20.85 -2.85
CA ALA A 137 -4.67 19.50 -2.40
C ALA A 137 -4.65 19.40 -0.88
N ILE A 138 -3.92 20.30 -0.22
CA ILE A 138 -3.96 20.37 1.25
C ILE A 138 -5.29 20.93 1.71
N GLU A 139 -5.72 22.05 1.11
CA GLU A 139 -6.95 22.71 1.54
C GLU A 139 -8.13 21.76 1.42
N GLN A 140 -8.18 20.95 0.36
CA GLN A 140 -9.23 19.95 0.23
C GLN A 140 -9.19 19.00 1.42
N ARG A 141 -8.00 18.60 1.84
CA ARG A 141 -7.91 17.61 2.90
C ARG A 141 -8.15 18.22 4.27
N PHE A 142 -7.82 19.49 4.46
CA PHE A 142 -8.22 20.17 5.70
C PHE A 142 -9.74 20.30 5.78
N GLY A 143 -10.37 20.62 4.65
CA GLY A 143 -11.82 20.68 4.63
C GLY A 143 -12.44 19.37 5.05
N THR A 144 -11.88 18.25 4.58
CA THR A 144 -12.42 16.95 4.96
C THR A 144 -12.24 16.70 6.46
N SER A 145 -11.09 17.10 7.02
CA SER A 145 -10.72 16.71 8.38
C SER A 145 -11.02 17.76 9.43
N GLY A 146 -11.02 19.04 9.08
CA GLY A 146 -11.16 20.08 10.08
C GLY A 146 -10.02 20.00 11.08
N ALA A 147 -8.81 19.86 10.57
CA ALA A 147 -7.64 19.74 11.43
C ALA A 147 -7.47 20.99 12.28
N LYS A 148 -7.23 20.81 13.57
CA LYS A 148 -7.02 21.97 14.41
C LYS A 148 -5.56 22.41 14.46
N LEU A 149 -4.63 21.58 14.00
CA LEU A 149 -3.23 21.98 13.98
C LEU A 149 -2.49 21.15 12.94
N VAL A 150 -1.46 21.77 12.35
CA VAL A 150 -0.60 21.09 11.38
C VAL A 150 0.85 21.28 11.80
N VAL A 151 1.63 20.21 11.64
CA VAL A 151 3.06 20.23 11.95
C VAL A 151 3.84 20.14 10.64
N THR A 152 4.79 21.04 10.48
CA THR A 152 5.66 21.00 9.31
C THR A 152 7.00 21.59 9.71
N ASN A 153 7.95 21.52 8.78
CA ASN A 153 9.26 22.13 8.94
C ASN A 153 9.35 23.36 8.04
N LEU A 154 10.46 24.08 8.18
CA LEU A 154 10.58 25.35 7.48
C LEU A 154 10.47 25.17 5.97
N ALA A 155 10.92 24.02 5.46
CA ALA A 155 10.96 23.80 4.02
C ALA A 155 9.56 23.77 3.42
N ASN A 156 8.64 23.11 4.09
CA ASN A 156 7.28 23.00 3.58
C ASN A 156 6.37 24.10 4.08
N ARG A 157 6.91 25.05 4.86
CA ARG A 157 6.07 26.06 5.48
C ARG A 157 5.41 26.96 4.42
N SER A 158 6.10 27.22 3.31
CA SER A 158 5.52 28.08 2.28
C SER A 158 4.32 27.43 1.63
N LYS A 159 4.35 26.12 1.39
CA LYS A 159 3.20 25.45 0.79
C LYS A 159 1.94 25.66 1.62
N LEU A 160 2.07 25.71 2.95
CA LEU A 160 0.93 25.94 3.83
C LEU A 160 0.49 27.40 3.86
N ALA A 161 1.23 28.30 3.24
CA ALA A 161 0.85 29.71 3.24
C ALA A 161 -0.34 29.97 2.32
N GLU A 162 -0.53 29.15 1.29
CA GLU A 162 -1.62 29.39 0.35
C GLU A 162 -2.92 28.73 0.78
N VAL A 163 -2.91 27.94 1.85
CA VAL A 163 -4.09 27.17 2.24
C VAL A 163 -5.10 28.07 2.93
N GLU A 164 -6.31 28.16 2.37
CA GLU A 164 -7.30 29.09 2.89
C GLU A 164 -7.68 28.74 4.32
N ASN A 165 -7.85 27.45 4.62
CA ASN A 165 -8.34 27.00 5.91
C ASN A 165 -7.25 26.37 6.77
N CYS A 166 -6.06 26.96 6.76
CA CYS A 166 -4.91 26.35 7.45
C CYS A 166 -4.96 26.66 8.94
N PRO A 167 -5.10 25.66 9.82
CA PRO A 167 -5.10 25.93 11.25
C PRO A 167 -3.74 26.39 11.75
N ARG A 168 -3.57 26.49 13.06
CA ARG A 168 -2.29 26.86 13.64
CA ARG A 168 -2.29 26.88 13.62
C ARG A 168 -1.20 25.93 13.13
N VAL A 169 0.00 26.47 12.98
CA VAL A 169 1.14 25.71 12.47
C VAL A 169 2.20 25.62 13.55
N ALA A 170 2.77 24.43 13.70
CA ALA A 170 3.98 24.23 14.50
C ALA A 170 5.14 23.97 13.55
N THR A 171 6.12 24.86 13.56
CA THR A 171 7.26 24.79 12.66
C THR A 171 8.47 24.22 13.36
N ILE A 172 9.05 23.20 12.77
CA ILE A 172 10.33 22.66 13.22
C ILE A 172 11.44 23.51 12.63
N LEU A 173 12.25 24.13 13.49
CA LEU A 173 13.29 25.06 13.06
C LEU A 173 14.68 24.51 13.38
N ALA A 174 15.62 24.74 12.46
CA ALA A 174 17.02 24.47 12.68
C ALA A 174 17.58 25.53 13.62
N PRO A 175 18.84 25.40 14.04
CA PRO A 175 19.43 26.41 14.93
C PRO A 175 19.40 27.82 14.35
N GLY A 176 18.71 28.71 15.06
CA GLY A 176 18.77 30.13 14.78
C GLY A 176 18.00 30.63 13.59
N GLU A 177 16.81 30.09 13.33
CA GLU A 177 16.03 30.45 12.15
C GLU A 177 14.81 31.29 12.54
N SER A 178 14.34 32.08 11.57
CA SER A 178 13.14 32.87 11.79
C SER A 178 11.93 31.96 11.95
N LEU A 179 11.19 32.14 13.04
CA LEU A 179 9.89 31.50 13.21
C LEU A 179 8.80 32.38 12.62
N PRO A 180 7.88 31.82 11.84
CA PRO A 180 6.79 32.65 11.27
C PRO A 180 5.99 33.34 12.36
N GLU A 181 5.24 34.36 11.95
CA GLU A 181 4.52 35.24 12.87
C GLU A 181 3.73 34.44 13.89
N GLY A 182 2.64 33.80 13.47
CA GLY A 182 1.74 33.15 14.40
C GLY A 182 2.04 31.72 14.76
N ASP A 183 3.20 31.18 14.38
CA ASP A 183 3.42 29.75 14.53
C ASP A 183 3.96 29.43 15.92
N ILE A 184 3.87 28.15 16.26
CA ILE A 184 4.48 27.58 17.46
C ILE A 184 5.88 27.10 17.12
N ASP A 185 6.84 27.42 17.98
CA ASP A 185 8.21 26.90 17.83
C ASP A 185 8.21 25.45 18.31
N PHE A 186 8.08 24.51 17.37
CA PHE A 186 7.85 23.12 17.74
C PHE A 186 8.96 22.59 18.63
N ARG A 187 10.21 22.79 18.21
CA ARG A 187 11.33 22.20 18.94
C ARG A 187 11.49 22.85 20.30
N ALA A 188 11.17 24.15 20.39
CA ALA A 188 11.29 24.86 21.66
C ALA A 188 10.16 24.49 22.61
N ALA A 189 8.91 24.46 22.11
CA ALA A 189 7.80 24.06 22.96
C ALA A 189 8.00 22.64 23.47
N VAL A 190 8.42 21.74 22.59
CA VAL A 190 8.51 20.34 22.97
C VAL A 190 9.67 20.11 23.93
N ALA A 191 10.82 20.74 23.68
CA ALA A 191 11.92 20.60 24.63
C ALA A 191 11.56 21.17 25.99
N ALA A 192 10.79 22.26 26.01
CA ALA A 192 10.37 22.86 27.28
C ALA A 192 9.13 22.21 27.86
N ALA A 193 8.55 21.21 27.21
CA ALA A 193 7.37 20.57 27.73
C ALA A 193 7.74 19.48 28.73
N SER A 194 6.80 19.15 29.61
CA SER A 194 7.03 18.11 30.60
C SER A 194 7.03 16.73 29.97
N THR A 195 7.73 15.80 30.62
CA THR A 195 7.82 14.43 30.14
C THR A 195 6.72 13.55 30.70
N GLU A 196 5.79 14.14 31.45
CA GLU A 196 4.71 13.42 32.10
C GLU A 196 3.41 13.79 31.42
N CYS A 197 2.74 12.80 30.85
CA CYS A 197 1.53 13.04 30.08
C CYS A 197 0.69 11.77 30.16
N GLU A 198 -0.38 11.82 30.90
CA GLU A 198 -1.20 10.64 31.12
C GLU A 198 -1.98 10.33 29.86
N PRO A 199 -1.80 9.16 29.27
CA PRO A 199 -2.49 8.87 28.00
C PRO A 199 -3.99 8.78 28.20
N VAL A 200 -4.72 9.43 27.31
CA VAL A 200 -6.17 9.50 27.37
C VAL A 200 -6.77 8.20 26.85
N MET A 201 -7.76 7.69 27.56
CA MET A 201 -8.43 6.46 27.17
C MET A 201 -9.51 6.75 26.13
N ARG A 202 -9.71 5.78 25.24
CA ARG A 202 -10.62 5.95 24.12
C ARG A 202 -11.36 4.64 23.91
N LYS A 203 -12.46 4.71 23.16
CA LYS A 203 -13.18 3.52 22.76
C LYS A 203 -12.61 3.01 21.44
N GLY A 204 -12.86 1.72 21.16
CA GLY A 204 -12.51 1.19 19.84
C GLY A 204 -13.10 1.98 18.70
N SER A 205 -14.37 2.36 18.83
CA SER A 205 -15.06 3.14 17.79
C SER A 205 -14.41 4.50 17.55
N ASP A 206 -13.58 4.97 18.47
CA ASP A 206 -13.00 6.29 18.32
C ASP A 206 -11.82 6.25 17.35
N LEU A 207 -11.57 7.40 16.74
CA LEU A 207 -10.65 7.47 15.62
C LEU A 207 -9.23 7.83 16.07
N PHE A 208 -8.24 7.30 15.35
CA PHE A 208 -6.88 7.81 15.46
C PHE A 208 -6.23 8.13 14.11
N MET A 209 -6.80 7.76 12.99
CA MET A 209 -6.24 8.20 11.73
C MET A 209 -7.33 8.75 10.83
N MET A 210 -6.96 9.74 10.04
CA MET A 210 -7.83 10.34 9.03
C MET A 210 -7.12 10.30 7.68
N MET A 211 -7.43 9.31 6.85
CA MET A 211 -6.81 9.17 5.53
C MET A 211 -7.71 9.78 4.46
N SER A 212 -7.25 9.74 3.21
CA SER A 212 -8.10 10.17 2.09
C SER A 212 -7.80 9.36 0.84
N THR A 213 -8.79 9.26 -0.02
CA THR A 213 -8.67 8.52 -1.27
C THR A 213 -7.80 9.27 -2.27
N SER A 214 -7.36 8.58 -3.31
CA SER A 214 -6.41 9.13 -4.26
C SER A 214 -6.95 9.00 -5.67
N GLY A 215 -7.00 10.13 -6.39
CA GLY A 215 -7.09 10.17 -7.84
C GLY A 215 -8.34 9.60 -8.49
N THR A 216 -9.52 9.86 -7.93
CA THR A 216 -10.76 9.37 -8.52
C THR A 216 -11.87 10.40 -8.60
N ALA A 217 -11.81 11.47 -7.80
CA ALA A 217 -12.78 12.55 -7.89
C ALA A 217 -12.29 13.77 -7.12
N PRO A 220 -11.48 13.86 -3.50
CA PRO A 220 -10.84 13.20 -2.34
C PRO A 220 -11.82 12.98 -1.18
N LYS A 221 -12.01 11.73 -0.74
CA LYS A 221 -12.91 11.41 0.37
C LYS A 221 -12.11 11.02 1.62
N GLY A 222 -12.69 11.30 2.78
CA GLY A 222 -12.03 10.95 4.04
C GLY A 222 -12.30 9.51 4.43
N VAL A 223 -11.27 8.84 4.92
CA VAL A 223 -11.35 7.47 5.41
C VAL A 223 -11.03 7.49 6.91
N PRO A 224 -12.05 7.43 7.77
CA PRO A 224 -11.80 7.48 9.22
C PRO A 224 -11.37 6.12 9.74
N VAL A 225 -10.25 6.09 10.46
CA VAL A 225 -9.73 4.82 10.95
C VAL A 225 -9.99 4.75 12.44
N PRO A 226 -10.88 3.89 12.88
CA PRO A 226 -11.13 3.75 14.32
C PRO A 226 -10.00 2.98 14.97
N LEU A 227 -9.88 3.15 16.29
CA LEU A 227 -8.78 2.51 16.99
C LEU A 227 -8.86 0.99 16.92
N ARG A 228 -10.04 0.40 16.66
CA ARG A 228 -10.08 -1.05 16.62
C ARG A 228 -9.30 -1.60 15.43
N ALA A 229 -9.15 -0.79 14.38
CA ALA A 229 -8.34 -1.20 13.23
C ALA A 229 -6.98 -1.76 13.61
N LEU A 230 -6.44 -1.37 14.78
CA LEU A 230 -5.16 -1.90 15.23
C LEU A 230 -5.11 -3.41 15.12
N MET A 231 -6.23 -4.08 15.35
CA MET A 231 -6.27 -5.54 15.21
C MET A 231 -5.97 -5.96 13.79
N ALA A 232 -6.68 -5.40 12.80
CA ALA A 232 -6.34 -5.69 11.40
C ALA A 232 -4.88 -5.38 11.13
N PHE A 233 -4.45 -4.16 11.46
CA PHE A 233 -3.07 -3.74 11.20
C PHE A 233 -2.08 -4.76 11.74
N GLY A 234 -2.28 -5.20 12.98
CA GLY A 234 -1.36 -6.15 13.57
C GLY A 234 -1.47 -7.52 12.95
N ALA A 235 -2.67 -7.88 12.47
CA ALA A 235 -2.83 -9.15 11.76
C ALA A 235 -1.99 -9.17 10.49
N TYR A 236 -2.09 -8.12 9.68
CA TYR A 236 -1.31 -8.04 8.46
C TYR A 236 0.19 -8.18 8.74
N MET A 237 0.68 -7.50 9.79
CA MET A 237 2.11 -7.55 10.09
C MET A 237 2.56 -8.94 10.47
N ARG A 238 1.67 -9.70 11.13
CA ARG A 238 2.02 -11.03 11.62
C ARG A 238 1.73 -12.10 10.58
N ASP A 239 0.56 -12.05 9.96
CA ASP A 239 0.16 -13.12 9.06
C ASP A 239 0.78 -12.95 7.68
N ALA A 240 0.90 -11.72 7.18
CA ALA A 240 1.27 -11.50 5.78
C ALA A 240 2.72 -11.08 5.61
N VAL A 241 3.15 -10.03 6.32
CA VAL A 241 4.55 -9.68 6.31
C VAL A 241 5.34 -10.75 7.05
N GLY A 242 4.71 -11.41 8.03
CA GLY A 242 5.39 -12.42 8.81
C GLY A 242 6.48 -11.88 9.68
N LEU A 243 6.33 -10.65 10.14
CA LEU A 243 7.34 -9.99 10.96
C LEU A 243 7.63 -10.80 12.22
N ARG A 244 8.88 -11.17 12.41
CA ARG A 244 9.35 -11.85 13.59
C ARG A 244 10.13 -10.89 14.48
N SER A 245 10.23 -11.25 15.76
CA SER A 245 11.00 -10.44 16.70
C SER A 245 12.46 -10.30 16.28
N ASP A 246 13.03 -11.33 15.64
CA ASP A 246 14.41 -11.27 15.18
C ASP A 246 14.56 -10.65 13.79
N ASP A 247 13.48 -10.20 13.15
CA ASP A 247 13.60 -9.56 11.84
C ASP A 247 14.10 -8.13 11.99
N ILE A 248 14.85 -7.66 10.99
CA ILE A 248 15.15 -6.24 10.84
C ILE A 248 14.27 -5.72 9.70
N PHE A 249 13.31 -4.87 10.06
CA PHE A 249 12.21 -4.52 9.18
C PHE A 249 12.43 -3.13 8.57
N TRP A 250 12.33 -3.03 7.24
CA TRP A 250 12.31 -1.73 6.58
C TRP A 250 11.16 -1.67 5.58
N ASN A 251 10.19 -0.80 5.85
CA ASN A 251 9.15 -0.47 4.89
C ASN A 251 9.55 0.82 4.19
N ILE A 252 9.72 0.70 2.87
CA ILE A 252 10.26 1.75 2.02
C ILE A 252 9.32 2.94 1.90
N ALA A 253 8.02 2.72 2.06
CA ALA A 253 6.98 3.69 1.70
C ALA A 253 6.92 4.88 2.65
N ASP A 254 6.41 6.02 2.12
CA ASP A 254 6.32 7.26 2.88
C ASP A 254 5.04 7.29 3.73
N PRO A 255 5.15 7.71 4.99
CA PRO A 255 3.98 7.75 5.88
C PRO A 255 2.99 8.85 5.49
N GLY A 256 3.17 9.45 4.33
CA GLY A 256 2.12 10.31 3.83
C GLY A 256 0.92 9.55 3.27
N TRP A 257 1.12 8.28 2.91
CA TRP A 257 0.08 7.45 2.35
C TRP A 257 -0.19 6.28 3.28
N ALA A 258 -1.34 5.62 3.07
CA ALA A 258 -1.80 4.62 4.04
C ALA A 258 -0.78 3.51 4.27
N TYR A 259 -0.18 2.98 3.20
CA TYR A 259 0.67 1.81 3.35
C TYR A 259 1.87 2.11 4.23
N GLY A 260 2.38 3.34 4.16
CA GLY A 260 3.45 3.78 5.02
C GLY A 260 3.00 4.03 6.44
N LEU A 261 1.90 4.77 6.60
CA LEU A 261 1.41 5.06 7.95
C LEU A 261 0.94 3.80 8.66
N TYR A 262 0.15 2.97 7.97
CA TYR A 262 -0.31 1.73 8.61
C TYR A 262 0.86 0.81 8.91
N TYR A 263 1.75 0.58 7.95
CA TYR A 263 2.66 -0.54 8.09
C TYR A 263 4.14 -0.20 8.10
N ALA A 264 4.52 1.06 7.91
CA ALA A 264 5.89 1.44 8.22
C ALA A 264 6.03 2.01 9.62
N VAL A 265 5.07 2.83 10.04
CA VAL A 265 5.10 3.37 11.38
C VAL A 265 4.31 2.49 12.34
N THR A 266 2.99 2.40 12.13
CA THR A 266 2.11 1.82 13.14
C THR A 266 2.35 0.32 13.30
N GLY A 267 2.34 -0.42 12.20
CA GLY A 267 2.41 -1.87 12.26
C GLY A 267 3.56 -2.43 13.08
N PRO A 268 4.79 -2.12 12.71
CA PRO A 268 5.90 -2.72 13.46
C PRO A 268 5.92 -2.30 14.92
N LEU A 269 5.79 -1.01 15.21
CA LEU A 269 5.70 -0.57 16.60
C LEU A 269 4.57 -1.29 17.35
N LEU A 270 3.43 -1.47 16.68
CA LEU A 270 2.30 -2.18 17.29
C LEU A 270 2.74 -3.53 17.83
N LEU A 271 3.61 -4.22 17.11
CA LEU A 271 4.12 -5.51 17.54
C LEU A 271 5.32 -5.40 18.47
N GLY A 272 5.84 -4.19 18.66
CA GLY A 272 7.06 -4.04 19.43
C GLY A 272 8.34 -4.35 18.70
N VAL A 273 8.34 -4.34 17.38
CA VAL A 273 9.54 -4.62 16.60
C VAL A 273 10.13 -3.31 16.10
N PRO A 274 11.44 -3.14 16.04
CA PRO A 274 11.99 -1.88 15.52
C PRO A 274 11.63 -1.67 14.06
N THR A 275 11.49 -0.41 13.69
CA THR A 275 11.20 0.01 12.32
C THR A 275 12.26 1.00 11.89
N ILE A 276 12.53 1.02 10.58
CA ILE A 276 13.56 1.88 10.00
C ILE A 276 12.90 2.99 9.21
N LEU A 277 13.42 4.21 9.35
CA LEU A 277 13.00 5.34 8.51
C LEU A 277 14.21 5.97 7.84
N ASN A 278 14.18 6.06 6.51
CA ASN A 278 15.27 6.64 5.73
C ASN A 278 14.80 7.97 5.17
N GLU A 279 15.34 9.07 5.70
CA GLU A 279 14.93 10.39 5.22
C GLU A 279 15.32 10.63 3.77
N GLY A 280 16.34 9.92 3.29
CA GLY A 280 16.85 10.21 1.96
C GLY A 280 15.90 9.74 0.86
N GLY A 281 15.85 10.52 -0.22
CA GLY A 281 15.11 10.15 -1.41
C GLY A 281 15.40 8.74 -1.83
N PHE A 282 14.41 8.07 -2.43
CA PHE A 282 14.63 6.69 -2.84
C PHE A 282 15.49 6.63 -4.09
N THR A 283 16.60 5.90 -4.00
CA THR A 283 17.32 5.39 -5.16
C THR A 283 17.66 3.93 -4.88
N ALA A 284 18.03 3.20 -5.94
CA ALA A 284 18.29 1.78 -5.80
C ALA A 284 19.59 1.53 -5.04
N GLU A 285 20.66 2.22 -5.43
CA GLU A 285 21.92 2.05 -4.73
C GLU A 285 21.77 2.41 -3.27
N ASN A 286 20.98 3.44 -2.99
CA ASN A 286 20.73 3.86 -1.61
C ASN A 286 20.01 2.78 -0.83
N THR A 287 18.99 2.16 -1.43
CA THR A 287 18.28 1.07 -0.77
C THR A 287 19.21 -0.08 -0.44
N TYR A 288 20.08 -0.44 -1.38
CA TYR A 288 21.02 -1.52 -1.15
C TYR A 288 21.99 -1.17 -0.04
N ASP A 289 22.37 0.09 0.10
CA ASP A 289 23.20 0.52 1.22
C ASP A 289 22.50 0.27 2.55
N ILE A 290 21.28 0.78 2.70
CA ILE A 290 20.55 0.59 3.96
C ILE A 290 20.45 -0.89 4.30
N ILE A 291 20.05 -1.70 3.32
CA ILE A 291 19.83 -3.13 3.56
C ILE A 291 21.08 -3.76 4.12
N GLU A 292 22.25 -3.32 3.64
CA GLU A 292 23.53 -3.86 4.08
C GLU A 292 23.95 -3.26 5.42
N ARG A 293 23.71 -1.97 5.61
CA ARG A 293 24.26 -1.26 6.76
C ARG A 293 23.51 -1.62 8.04
N LEU A 294 22.20 -1.84 7.94
CA LEU A 294 21.37 -2.14 9.10
C LEU A 294 20.93 -3.59 9.15
N GLY A 295 21.39 -4.44 8.23
CA GLY A 295 21.04 -5.84 8.28
C GLY A 295 19.60 -6.16 7.99
N VAL A 296 18.97 -5.42 7.05
CA VAL A 296 17.56 -5.59 6.76
C VAL A 296 17.27 -7.01 6.28
N THR A 297 16.28 -7.65 6.89
CA THR A 297 15.85 -8.98 6.47
C THR A 297 14.41 -9.03 5.98
N SER A 298 13.62 -8.00 6.27
CA SER A 298 12.21 -7.96 5.89
C SER A 298 11.97 -6.60 5.27
N LEU A 299 11.79 -6.59 3.96
CA LEU A 299 11.65 -5.38 3.15
C LEU A 299 10.24 -5.29 2.62
N ALA A 300 9.67 -4.08 2.64
CA ALA A 300 8.31 -3.90 2.15
C ALA A 300 8.23 -2.59 1.37
N GLY A 301 7.34 -2.56 0.38
CA GLY A 301 7.39 -1.44 -0.55
C GLY A 301 6.42 -1.64 -1.71
N SER A 302 6.47 -0.68 -2.64
CA SER A 302 5.59 -0.76 -3.80
C SER A 302 6.32 -1.28 -5.05
N PRO A 303 5.57 -1.86 -6.00
CA PRO A 303 6.18 -2.26 -7.28
C PRO A 303 6.96 -1.17 -7.99
N THR A 304 6.49 0.08 -7.93
CA THR A 304 7.29 1.18 -8.47
C THR A 304 8.69 1.15 -7.92
N ALA A 305 8.81 0.99 -6.61
CA ALA A 305 10.12 0.96 -5.96
C ALA A 305 10.93 -0.26 -6.39
N PHE A 306 10.29 -1.42 -6.47
CA PHE A 306 11.03 -2.63 -6.79
C PHE A 306 11.49 -2.66 -8.25
N ARG A 307 10.74 -2.07 -9.19
CA ARG A 307 11.23 -2.06 -10.57
C ARG A 307 12.49 -1.21 -10.71
N LEU A 308 12.63 -0.18 -9.87
CA LEU A 308 13.86 0.60 -9.86
C LEU A 308 15.04 -0.25 -9.44
N LEU A 309 14.82 -1.19 -8.52
CA LEU A 309 15.87 -2.12 -8.13
C LEU A 309 16.23 -3.03 -9.29
N ILE A 310 15.23 -3.49 -10.02
CA ILE A 310 15.50 -4.31 -11.20
C ILE A 310 16.24 -3.49 -12.25
N ALA A 311 15.89 -2.21 -12.41
CA ALA A 311 16.60 -1.37 -13.37
C ALA A 311 18.05 -1.10 -12.98
N ALA A 312 18.45 -1.41 -11.75
CA ALA A 312 19.84 -1.21 -11.37
C ALA A 312 20.75 -2.27 -11.95
N GLY A 313 20.22 -3.47 -12.19
CA GLY A 313 20.98 -4.53 -12.78
C GLY A 313 21.30 -5.62 -11.78
N PRO A 314 21.50 -6.85 -12.27
CA PRO A 314 21.82 -7.94 -11.34
C PRO A 314 23.13 -7.74 -10.61
N GLU A 315 24.08 -7.02 -11.21
CA GLU A 315 25.35 -6.77 -10.53
C GLU A 315 25.15 -5.96 -9.26
N SER A 316 24.44 -4.83 -9.36
CA SER A 316 24.20 -4.00 -8.18
C SER A 316 23.60 -4.81 -7.05
N ALA A 317 22.70 -5.72 -7.39
CA ALA A 317 22.03 -6.56 -6.41
C ALA A 317 22.86 -7.74 -5.96
N ALA A 318 24.06 -7.93 -6.49
CA ALA A 318 24.87 -9.06 -6.05
C ALA A 318 25.35 -8.86 -4.62
N ARG A 319 25.79 -7.64 -4.28
CA ARG A 319 26.40 -7.42 -2.97
C ARG A 319 25.40 -7.61 -1.84
N VAL A 320 24.11 -7.62 -2.16
CA VAL A 320 23.05 -7.71 -1.16
C VAL A 320 22.25 -9.01 -1.29
N LYS A 321 22.48 -9.80 -2.34
CA LYS A 321 21.80 -11.06 -2.53
C LYS A 321 22.04 -12.00 -1.35
N GLY A 322 20.97 -12.62 -0.88
CA GLY A 322 21.05 -13.55 0.21
C GLY A 322 20.69 -12.97 1.56
N ARG A 323 20.53 -11.65 1.66
CA ARG A 323 20.29 -11.00 2.95
C ARG A 323 18.80 -10.98 3.28
N LEU A 324 17.95 -10.67 2.33
CA LEU A 324 16.53 -10.54 2.59
C LEU A 324 15.92 -11.92 2.80
N ARG A 325 15.20 -12.08 3.91
CA ARG A 325 14.39 -13.26 4.15
C ARG A 325 13.09 -13.19 3.35
N VAL A 326 12.35 -12.09 3.50
CA VAL A 326 11.06 -11.90 2.83
C VAL A 326 10.97 -10.49 2.28
N VAL A 327 10.28 -10.36 1.16
CA VAL A 327 9.90 -9.07 0.61
C VAL A 327 8.38 -9.03 0.49
N SER A 328 7.80 -7.89 0.83
CA SER A 328 6.36 -7.69 0.76
C SER A 328 6.07 -6.53 -0.18
N SER A 329 5.19 -6.78 -1.16
CA SER A 329 4.88 -5.79 -2.19
C SER A 329 3.39 -5.48 -2.22
N ALA A 330 3.06 -4.19 -2.27
CA ALA A 330 1.68 -3.73 -2.22
C ALA A 330 1.48 -2.52 -3.12
N GLY A 331 0.31 -2.46 -3.75
CA GLY A 331 -0.08 -1.30 -4.53
C GLY A 331 -0.38 -1.57 -5.98
N GLU A 332 -0.19 -2.79 -6.46
CA GLU A 332 -0.13 -3.12 -7.88
C GLU A 332 0.20 -4.61 -7.95
N PRO A 333 -0.58 -5.45 -8.63
CA PRO A 333 -0.17 -6.85 -8.75
C PRO A 333 1.18 -6.92 -9.47
N LEU A 334 2.07 -7.75 -8.95
CA LEU A 334 3.41 -7.85 -9.52
C LEU A 334 3.40 -8.60 -10.84
N ASN A 335 4.20 -8.10 -11.78
CA ASN A 335 4.56 -8.86 -12.98
C ASN A 335 5.26 -10.16 -12.57
N PRO A 336 4.95 -11.29 -13.20
CA PRO A 336 5.60 -12.55 -12.79
C PRO A 336 7.12 -12.48 -12.87
N GLU A 337 7.64 -11.76 -13.87
CA GLU A 337 9.08 -11.62 -14.03
C GLU A 337 9.72 -10.93 -12.85
N VAL A 338 9.00 -10.02 -12.20
CA VAL A 338 9.55 -9.32 -11.03
C VAL A 338 9.75 -10.30 -9.89
N ILE A 339 8.80 -11.22 -9.70
CA ILE A 339 8.97 -12.26 -8.69
C ILE A 339 10.21 -13.09 -9.01
N ARG A 340 10.30 -13.54 -10.26
CA ARG A 340 11.41 -14.43 -10.63
C ARG A 340 12.75 -13.73 -10.49
N TRP A 341 12.80 -12.44 -10.83
CA TRP A 341 14.03 -11.68 -10.67
C TRP A 341 14.46 -11.64 -9.22
N PHE A 342 13.51 -11.44 -8.30
CA PHE A 342 13.83 -11.41 -6.89
C PHE A 342 14.40 -12.74 -6.41
N ASP A 343 13.80 -13.85 -6.87
CA ASP A 343 14.28 -15.15 -6.43
C ASP A 343 15.66 -15.44 -7.00
N ALA A 344 15.88 -15.15 -8.28
CA ALA A 344 17.17 -15.46 -8.87
C ALA A 344 18.24 -14.47 -8.45
N CYS A 345 17.89 -13.18 -8.44
CA CYS A 345 18.88 -12.12 -8.28
C CYS A 345 19.03 -11.62 -6.85
N LEU A 346 18.07 -11.90 -5.98
CA LEU A 346 18.18 -11.55 -4.57
C LEU A 346 17.99 -12.74 -3.65
N GLY A 347 17.67 -13.91 -4.19
CA GLY A 347 17.47 -15.07 -3.36
C GLY A 347 16.38 -14.93 -2.33
N ALA A 348 15.46 -14.01 -2.54
CA ALA A 348 14.37 -13.82 -1.62
C ALA A 348 13.05 -13.93 -2.35
N PRO A 349 12.03 -14.48 -1.68
CA PRO A 349 10.67 -14.52 -2.25
C PRO A 349 9.97 -13.19 -2.02
N ILE A 350 9.47 -12.59 -3.10
CA ILE A 350 8.64 -11.39 -3.03
C ILE A 350 7.20 -11.84 -3.18
N HIS A 351 6.33 -11.30 -2.33
CA HIS A 351 4.95 -11.72 -2.26
C HIS A 351 4.03 -10.54 -2.53
N ASP A 352 2.89 -10.86 -3.11
CA ASP A 352 1.92 -9.87 -3.53
C ASP A 352 0.91 -9.73 -2.42
N HIS A 353 0.78 -8.52 -1.86
CA HIS A 353 -0.21 -8.20 -0.87
C HIS A 353 -1.16 -7.16 -1.46
N TYR A 354 -2.45 -7.42 -1.37
CA TYR A 354 -3.46 -6.51 -1.89
C TYR A 354 -4.28 -5.93 -0.75
N GLY A 355 -4.38 -4.61 -0.71
CA GLY A 355 -5.30 -3.92 0.16
C GLY A 355 -5.81 -2.63 -0.43
N GLN A 356 -6.41 -1.77 0.40
CA GLN A 356 -6.90 -0.47 -0.03
C GLN A 356 -6.79 0.50 1.14
N THR A 357 -6.73 1.80 0.81
CA THR A 357 -6.76 2.83 1.85
C THR A 357 -7.92 2.59 2.79
N GLU A 358 -9.07 2.20 2.24
CA GLU A 358 -10.27 2.00 3.05
C GLU A 358 -10.16 0.81 3.99
N LEU A 359 -9.43 -0.25 3.60
CA LEU A 359 -9.49 -1.48 4.36
C LEU A 359 -8.22 -1.81 5.14
N GLY A 360 -7.08 -1.30 4.76
CA GLY A 360 -5.86 -2.01 5.10
C GLY A 360 -5.71 -3.16 4.12
N MET A 361 -5.00 -4.20 4.56
CA MET A 361 -4.73 -5.34 3.69
C MET A 361 -5.75 -6.44 3.95
N VAL A 362 -6.22 -7.10 2.88
CA VAL A 362 -7.32 -8.06 3.03
C VAL A 362 -7.04 -9.40 2.34
N VAL A 363 -6.23 -9.38 1.27
CA VAL A 363 -5.99 -10.58 0.48
C VAL A 363 -4.50 -10.66 0.19
N ASN A 364 -3.85 -11.75 0.59
CA ASN A 364 -2.41 -11.79 0.55
C ASN A 364 -1.90 -13.17 0.14
N ASN A 365 -0.68 -13.16 -0.44
CA ASN A 365 0.24 -14.27 -0.34
C ASN A 365 1.05 -14.06 0.93
N HIS A 366 0.81 -14.89 1.95
CA HIS A 366 1.27 -14.64 3.31
C HIS A 366 2.67 -15.21 3.55
N HIS A 367 3.57 -14.37 4.07
CA HIS A 367 4.85 -14.87 4.55
C HIS A 367 4.76 -15.54 5.92
N GLY A 368 3.69 -15.29 6.67
CA GLY A 368 3.54 -15.83 8.01
C GLY A 368 2.59 -17.01 8.18
N LEU A 369 1.96 -17.50 7.12
CA LEU A 369 1.14 -18.70 7.17
C LEU A 369 1.49 -19.59 5.99
N GLU A 370 1.49 -20.90 6.21
CA GLU A 370 1.79 -21.85 5.14
C GLU A 370 0.55 -22.03 4.27
N HIS A 371 0.69 -21.69 2.99
CA HIS A 371 -0.33 -22.00 1.99
C HIS A 371 0.33 -22.01 0.61
N PRO A 372 -0.34 -22.56 -0.40
CA PRO A 372 0.23 -22.56 -1.75
C PRO A 372 0.43 -21.15 -2.27
N VAL A 373 1.59 -20.89 -2.85
CA VAL A 373 1.84 -19.65 -3.56
C VAL A 373 1.94 -20.00 -5.04
N ARG A 374 0.87 -19.76 -5.79
CA ARG A 374 0.81 -20.08 -7.21
C ARG A 374 0.95 -18.82 -8.05
N GLN A 375 1.64 -18.96 -9.19
CA GLN A 375 1.85 -17.85 -10.11
C GLN A 375 0.53 -17.27 -10.59
N GLY A 376 0.41 -15.96 -10.53
CA GLY A 376 -0.77 -15.28 -11.00
C GLY A 376 -1.88 -15.13 -9.98
N SER A 377 -1.68 -15.64 -8.76
CA SER A 377 -2.69 -15.53 -7.72
C SER A 377 -2.35 -14.42 -6.75
N ALA A 378 -3.39 -13.73 -6.28
CA ALA A 378 -3.25 -12.70 -5.25
C ALA A 378 -3.16 -13.30 -3.86
N GLY A 379 -3.56 -14.57 -3.73
CA GLY A 379 -3.52 -15.30 -2.50
C GLY A 379 -4.90 -15.50 -1.89
N TYR A 380 -4.97 -15.45 -0.56
CA TYR A 380 -6.19 -15.80 0.16
C TYR A 380 -6.57 -14.66 1.10
N ALA A 381 -7.86 -14.59 1.39
CA ALA A 381 -8.35 -13.65 2.38
C ALA A 381 -7.58 -13.82 3.68
N MET A 382 -7.13 -12.71 4.25
CA MET A 382 -6.49 -12.74 5.55
C MET A 382 -7.49 -13.22 6.61
N PRO A 383 -7.07 -14.07 7.56
CA PRO A 383 -8.02 -14.53 8.58
C PRO A 383 -8.61 -13.35 9.32
N GLY A 384 -9.90 -13.44 9.63
CA GLY A 384 -10.65 -12.30 10.12
C GLY A 384 -11.44 -11.58 9.05
N TYR A 385 -11.26 -11.96 7.78
CA TYR A 385 -12.04 -11.40 6.67
C TYR A 385 -12.67 -12.53 5.86
N ARG A 386 -13.93 -12.37 5.47
CA ARG A 386 -14.56 -13.25 4.49
CA ARG A 386 -14.57 -13.25 4.50
C ARG A 386 -14.84 -12.46 3.22
N VAL A 387 -14.27 -12.90 2.12
CA VAL A 387 -14.43 -12.19 0.87
C VAL A 387 -15.30 -13.00 -0.06
N ALA A 388 -15.90 -12.31 -1.02
CA ALA A 388 -16.77 -12.93 -2.00
C ALA A 388 -16.60 -12.20 -3.32
N VAL A 389 -17.02 -12.85 -4.40
CA VAL A 389 -17.05 -12.23 -5.71
C VAL A 389 -18.52 -12.05 -6.06
N LEU A 390 -18.92 -10.80 -6.30
CA LEU A 390 -20.33 -10.48 -6.44
C LEU A 390 -20.76 -10.47 -7.89
N ASP A 391 -21.97 -10.98 -8.12
CA ASP A 391 -22.64 -10.93 -9.40
C ASP A 391 -22.86 -9.48 -9.83
N GLU A 392 -23.39 -9.31 -11.03
CA GLU A 392 -23.87 -8.00 -11.43
C GLU A 392 -25.02 -7.55 -10.54
N ALA A 393 -25.80 -8.50 -10.04
CA ALA A 393 -26.91 -8.23 -9.13
C ALA A 393 -26.50 -8.26 -7.67
N GLY A 394 -25.25 -8.59 -7.36
CA GLY A 394 -24.83 -8.72 -6.00
C GLY A 394 -25.00 -10.11 -5.41
N LYS A 395 -25.25 -11.12 -6.23
CA LYS A 395 -25.27 -12.50 -5.77
C LYS A 395 -23.85 -13.05 -5.73
N GLU A 396 -23.62 -14.03 -4.87
CA GLU A 396 -22.29 -14.61 -4.76
C GLU A 396 -22.08 -15.61 -5.90
N VAL A 397 -21.08 -15.34 -6.75
CA VAL A 397 -20.82 -16.19 -7.91
C VAL A 397 -19.94 -17.36 -7.49
N GLY A 398 -19.60 -18.23 -8.44
CA GLY A 398 -18.86 -19.43 -8.15
C GLY A 398 -17.41 -19.36 -8.58
N PRO A 399 -16.67 -20.44 -8.34
CA PRO A 399 -15.26 -20.47 -8.74
C PRO A 399 -15.11 -20.27 -10.24
N ASN A 400 -14.18 -19.39 -10.60
CA ASN A 400 -13.83 -19.02 -11.97
C ASN A 400 -14.91 -18.23 -12.67
N GLU A 401 -16.08 -18.03 -12.05
CA GLU A 401 -17.01 -17.03 -12.54
C GLU A 401 -16.48 -15.65 -12.18
N PRO A 402 -16.25 -14.77 -13.14
CA PRO A 402 -15.70 -13.44 -12.82
C PRO A 402 -16.73 -12.57 -12.11
N GLY A 403 -16.22 -11.69 -11.26
CA GLY A 403 -17.04 -10.80 -10.47
C GLY A 403 -16.18 -9.79 -9.73
N VAL A 404 -16.82 -8.99 -8.90
CA VAL A 404 -16.13 -7.92 -8.17
C VAL A 404 -15.77 -8.42 -6.78
N LEU A 405 -14.54 -8.15 -6.37
CA LEU A 405 -14.07 -8.52 -5.04
C LEU A 405 -14.82 -7.74 -3.97
N ALA A 406 -15.41 -8.45 -3.02
CA ALA A 406 -16.22 -7.80 -2.01
C ALA A 406 -15.90 -8.34 -0.62
N ILE A 407 -16.04 -7.49 0.39
CA ILE A 407 -15.87 -7.89 1.78
C ILE A 407 -17.25 -8.13 2.38
N ASP A 408 -17.45 -9.32 2.91
CA ASP A 408 -18.66 -9.65 3.66
C ASP A 408 -18.56 -8.96 5.02
N ILE A 409 -19.43 -7.97 5.26
CA ILE A 409 -19.27 -7.11 6.43
C ILE A 409 -19.42 -7.93 7.70
N ASP A 410 -20.63 -8.44 7.98
CA ASP A 410 -20.73 -9.52 8.95
C ASP A 410 -19.81 -10.65 8.47
N ASN A 411 -19.38 -11.54 9.34
CA ASN A 411 -18.43 -12.61 9.01
C ASN A 411 -17.01 -12.11 8.69
N SER A 412 -16.73 -10.81 8.80
CA SER A 412 -15.36 -10.29 8.73
C SER A 412 -15.06 -9.52 10.01
N PRO A 413 -14.71 -10.24 11.08
CA PRO A 413 -14.60 -9.55 12.39
C PRO A 413 -13.54 -8.45 12.40
N LEU A 414 -12.52 -8.55 11.55
CA LEU A 414 -11.42 -7.58 11.52
C LEU A 414 -11.72 -6.33 10.71
N LEU A 415 -12.82 -6.30 9.95
CA LEU A 415 -13.19 -5.13 9.19
C LEU A 415 -13.41 -3.92 10.10
N TRP A 416 -12.78 -2.80 9.74
CA TRP A 416 -12.95 -1.57 10.50
C TRP A 416 -13.59 -0.44 9.72
N PHE A 417 -13.52 -0.45 8.39
CA PHE A 417 -14.11 0.61 7.58
C PHE A 417 -15.64 0.57 7.65
N THR A 418 -16.25 1.68 8.06
CA THR A 418 -17.72 1.78 8.13
C THR A 418 -18.27 2.87 7.22
N GLY A 419 -17.48 3.37 6.28
CA GLY A 419 -17.91 4.42 5.39
C GLY A 419 -17.01 5.64 5.41
N TYR A 420 -17.05 6.43 4.34
CA TYR A 420 -16.25 7.64 4.29
C TYR A 420 -16.73 8.62 5.36
N TYR A 421 -15.88 9.61 5.63
CA TYR A 421 -16.06 10.47 6.80
C TYR A 421 -17.35 11.31 6.71
N LYS A 422 -17.43 12.20 5.73
CA LYS A 422 -18.64 12.97 5.57
C LYS A 422 -19.53 12.43 4.45
N LYS A 423 -18.97 12.18 3.27
CA LYS A 423 -19.72 11.74 2.12
C LYS A 423 -20.32 10.34 2.36
N ASP A 424 -21.18 9.94 1.42
CA ASP A 424 -21.79 8.63 1.49
C ASP A 424 -20.86 7.58 0.91
N THR A 425 -21.23 6.32 1.14
CA THR A 425 -20.41 5.18 0.76
C THR A 425 -21.27 4.20 -0.02
N PRO A 426 -21.43 4.45 -1.32
CA PRO A 426 -22.20 3.52 -2.18
C PRO A 426 -21.58 2.15 -2.28
N SER A 427 -20.29 1.98 -1.98
CA SER A 427 -19.68 0.66 -2.04
C SER A 427 -20.17 -0.25 -0.92
N ILE A 428 -20.97 0.24 0.02
CA ILE A 428 -21.52 -0.56 1.10
C ILE A 428 -23.01 -0.73 0.86
N SER A 429 -23.41 -1.92 0.44
CA SER A 429 -24.81 -2.29 0.30
C SER A 429 -24.95 -3.79 0.42
N GLY A 430 -26.15 -4.25 0.76
CA GLY A 430 -26.42 -5.67 0.86
C GLY A 430 -25.58 -6.40 1.89
N GLY A 431 -24.96 -5.68 2.81
CA GLY A 431 -24.02 -6.30 3.71
C GLY A 431 -22.65 -6.53 3.12
N TYR A 432 -22.31 -5.86 2.02
CA TYR A 432 -20.99 -6.00 1.42
C TYR A 432 -20.34 -4.63 1.26
N TYR A 433 -19.01 -4.62 1.30
CA TYR A 433 -18.21 -3.52 0.81
C TYR A 433 -17.53 -3.99 -0.46
N ARG A 434 -17.72 -3.24 -1.56
CA ARG A 434 -17.20 -3.65 -2.85
C ARG A 434 -15.91 -2.90 -3.15
N THR A 435 -14.87 -3.65 -3.51
CA THR A 435 -13.57 -3.07 -3.81
C THR A 435 -13.58 -2.35 -5.15
N GLY A 436 -14.46 -2.77 -6.05
CA GLY A 436 -14.44 -2.27 -7.41
C GLY A 436 -13.34 -2.84 -8.26
N ASP A 437 -12.66 -3.88 -7.79
CA ASP A 437 -11.62 -4.56 -8.55
C ASP A 437 -12.17 -5.89 -9.03
N THR A 438 -11.88 -6.20 -10.30
CA THR A 438 -12.46 -7.37 -10.95
C THR A 438 -11.55 -8.57 -10.73
N VAL A 439 -12.11 -9.63 -10.17
CA VAL A 439 -11.34 -10.81 -9.77
C VAL A 439 -12.18 -12.03 -10.05
N GLU A 440 -11.73 -13.18 -9.54
CA GLU A 440 -12.43 -14.44 -9.71
C GLU A 440 -11.76 -15.46 -8.82
N PHE A 441 -12.56 -16.33 -8.21
CA PHE A 441 -12.04 -17.31 -7.27
C PHE A 441 -11.66 -18.59 -8.00
N GLU A 442 -10.61 -19.22 -7.55
CA GLU A 442 -10.15 -20.52 -7.96
C GLU A 442 -10.73 -21.59 -7.04
N PRO A 443 -10.98 -22.78 -7.58
CA PRO A 443 -11.60 -23.84 -6.78
C PRO A 443 -10.89 -24.13 -5.46
N ASP A 444 -9.61 -23.81 -5.34
CA ASP A 444 -8.99 -24.02 -4.05
C ASP A 444 -9.24 -22.86 -3.10
N GLY A 445 -9.89 -21.81 -3.57
CA GLY A 445 -10.20 -20.65 -2.74
C GLY A 445 -9.36 -19.44 -3.06
N SER A 446 -8.32 -19.58 -3.89
CA SER A 446 -7.46 -18.47 -4.26
C SER A 446 -8.28 -17.34 -4.87
N ILE A 447 -7.71 -16.15 -4.85
CA ILE A 447 -8.24 -15.02 -5.61
C ILE A 447 -7.31 -14.79 -6.79
N SER A 448 -7.89 -14.58 -7.96
CA SER A 448 -7.15 -14.24 -9.16
C SER A 448 -7.70 -12.95 -9.73
N PHE A 449 -6.85 -11.93 -9.85
CA PHE A 449 -7.27 -10.70 -10.50
C PHE A 449 -7.39 -10.95 -12.01
N ILE A 450 -8.58 -10.68 -12.56
CA ILE A 450 -8.93 -11.12 -13.90
C ILE A 450 -9.05 -9.94 -14.87
N GLY A 451 -9.58 -8.81 -14.42
CA GLY A 451 -9.81 -7.70 -15.32
C GLY A 451 -11.12 -7.84 -16.07
N ARG A 452 -11.78 -6.73 -16.40
CA ARG A 452 -13.17 -6.80 -16.87
C ARG A 452 -13.24 -7.41 -18.26
N ALA A 453 -14.21 -8.32 -18.45
CA ALA A 453 -14.43 -8.90 -19.78
C ALA A 453 -15.23 -7.98 -20.69
N ASP A 454 -16.00 -7.06 -20.13
CA ASP A 454 -16.59 -5.95 -20.89
C ASP A 454 -15.51 -4.87 -21.00
N ASP A 455 -14.62 -5.05 -21.97
CA ASP A 455 -13.57 -4.06 -22.22
C ASP A 455 -13.10 -4.09 -23.67
N VAL A 456 -12.91 -2.90 -24.22
CA VAL A 456 -12.62 -2.73 -25.63
C VAL A 456 -11.44 -1.77 -25.79
N ILE A 457 -10.86 -1.80 -26.98
CA ILE A 457 -9.82 -0.88 -27.40
C ILE A 457 -10.47 0.11 -28.34
N THR A 458 -10.26 1.40 -28.09
CA THR A 458 -10.73 2.43 -29.00
C THR A 458 -9.53 3.04 -29.70
N SER A 459 -9.47 2.85 -31.01
CA SER A 459 -8.35 3.28 -31.83
C SER A 459 -8.92 4.12 -32.96
N SER A 460 -8.61 5.41 -32.93
CA SER A 460 -9.11 6.35 -33.94
C SER A 460 -10.63 6.25 -34.06
N GLY A 461 -11.30 6.29 -32.91
CA GLY A 461 -12.75 6.32 -32.85
C GLY A 461 -13.44 4.99 -33.04
N TYR A 462 -12.71 3.94 -33.40
CA TYR A 462 -13.28 2.61 -33.62
C TYR A 462 -13.09 1.73 -32.40
N ARG A 463 -14.17 1.09 -31.97
CA ARG A 463 -14.14 0.24 -30.79
C ARG A 463 -13.78 -1.17 -31.21
N ILE A 464 -12.75 -1.73 -30.57
CA ILE A 464 -12.15 -2.98 -31.03
C ILE A 464 -12.11 -3.96 -29.85
N GLY A 465 -12.71 -5.13 -30.04
CA GLY A 465 -12.68 -6.18 -29.06
C GLY A 465 -11.41 -7.00 -29.16
N PRO A 466 -10.58 -6.94 -28.12
CA PRO A 466 -9.32 -7.72 -28.10
C PRO A 466 -9.54 -9.18 -28.38
N PHE A 467 -10.65 -9.74 -27.91
CA PHE A 467 -10.91 -11.16 -28.16
C PHE A 467 -11.05 -11.43 -29.65
N ASP A 468 -11.79 -10.57 -30.37
CA ASP A 468 -11.92 -10.73 -31.80
C ASP A 468 -10.55 -10.74 -32.47
N VAL A 469 -9.67 -9.80 -32.08
CA VAL A 469 -8.33 -9.74 -32.64
C VAL A 469 -7.54 -10.99 -32.30
N GLU A 470 -7.63 -11.45 -31.04
CA GLU A 470 -6.93 -12.65 -30.63
C GLU A 470 -7.39 -13.86 -31.43
N SER A 471 -8.72 -14.04 -31.57
CA SER A 471 -9.24 -15.15 -32.35
C SER A 471 -8.73 -15.11 -33.78
N ALA A 472 -8.64 -13.91 -34.34
CA ALA A 472 -8.11 -13.77 -35.68
C ALA A 472 -6.66 -14.26 -35.73
N LEU A 473 -5.84 -13.83 -34.77
CA LEU A 473 -4.45 -14.25 -34.79
C LEU A 473 -4.32 -15.76 -34.63
N LEU A 474 -5.07 -16.34 -33.69
CA LEU A 474 -4.87 -17.76 -33.39
C LEU A 474 -5.16 -18.66 -34.59
N LYS A 475 -5.99 -18.21 -35.53
CA LYS A 475 -6.31 -19.02 -36.69
C LYS A 475 -5.13 -19.17 -37.65
N HIS A 476 -4.05 -18.40 -37.45
CA HIS A 476 -2.83 -18.47 -38.23
C HIS A 476 -1.88 -19.53 -37.64
N PRO A 477 -1.18 -20.28 -38.50
CA PRO A 477 -0.39 -21.42 -38.01
C PRO A 477 0.82 -21.03 -37.21
N ALA A 478 1.28 -19.80 -37.34
CA ALA A 478 2.41 -19.33 -36.55
C ALA A 478 2.02 -18.95 -35.13
N VAL A 479 0.74 -18.78 -34.84
CA VAL A 479 0.30 -18.24 -33.55
C VAL A 479 -0.26 -19.38 -32.71
N ASN A 480 0.46 -19.75 -31.65
CA ASN A 480 -0.08 -20.70 -30.69
C ASN A 480 -0.87 -20.00 -29.56
N GLU A 481 -0.41 -18.85 -29.09
CA GLU A 481 -1.16 -18.08 -28.08
C GLU A 481 -1.03 -16.61 -28.41
N ALA A 482 -2.09 -15.85 -28.10
CA ALA A 482 -2.08 -14.42 -28.37
C ALA A 482 -2.86 -13.65 -27.31
N ALA A 483 -2.38 -12.44 -27.02
CA ALA A 483 -3.05 -11.51 -26.12
C ALA A 483 -2.95 -10.11 -26.70
N VAL A 484 -4.06 -9.39 -26.73
CA VAL A 484 -4.15 -8.09 -27.38
C VAL A 484 -4.58 -7.05 -26.35
N VAL A 485 -3.86 -5.93 -26.30
CA VAL A 485 -4.16 -4.83 -25.39
C VAL A 485 -3.99 -3.52 -26.14
N GLY A 486 -4.53 -2.45 -25.54
CA GLY A 486 -4.43 -1.12 -26.10
C GLY A 486 -3.30 -0.33 -25.45
N VAL A 487 -2.33 0.08 -26.26
CA VAL A 487 -1.28 0.97 -25.78
C VAL A 487 -1.74 2.41 -25.99
N PRO A 488 -1.58 3.29 -25.01
CA PRO A 488 -2.00 4.68 -25.21
C PRO A 488 -1.17 5.36 -26.28
N ASP A 489 -1.82 6.26 -27.00
CA ASP A 489 -1.22 7.05 -28.06
C ASP A 489 -2.04 8.33 -28.16
N PRO A 490 -1.41 9.50 -28.08
CA PRO A 490 -2.21 10.73 -28.17
C PRO A 490 -2.90 10.91 -29.52
N GLN A 491 -2.22 10.66 -30.64
CA GLN A 491 -2.85 10.85 -31.94
C GLN A 491 -4.06 9.93 -32.09
N ARG A 492 -4.02 8.74 -31.49
CA ARG A 492 -5.00 7.69 -31.78
C ARG A 492 -5.77 7.21 -30.55
N THR A 493 -5.63 7.86 -29.39
CA THR A 493 -6.13 7.36 -28.11
C THR A 493 -5.39 6.08 -27.71
N GLU A 494 -5.76 4.95 -28.30
CA GLU A 494 -5.02 3.71 -28.14
C GLU A 494 -4.60 3.16 -29.51
N ILE A 495 -3.57 2.31 -29.49
CA ILE A 495 -3.14 1.53 -30.64
C ILE A 495 -3.16 0.06 -30.25
N VAL A 496 -3.60 -0.79 -31.16
CA VAL A 496 -3.81 -2.21 -30.89
C VAL A 496 -2.46 -2.93 -30.93
N LYS A 497 -2.09 -3.57 -29.83
CA LYS A 497 -0.83 -4.29 -29.74
C LYS A 497 -1.09 -5.74 -29.36
N ALA A 498 -0.39 -6.64 -30.05
CA ALA A 498 -0.53 -8.08 -29.84
C ALA A 498 0.74 -8.65 -29.22
N PHE A 499 0.56 -9.63 -28.34
CA PHE A 499 1.66 -10.42 -27.79
C PHE A 499 1.40 -11.87 -28.16
N VAL A 500 2.25 -12.46 -28.99
CA VAL A 500 1.99 -13.79 -29.53
C VAL A 500 3.12 -14.74 -29.14
N ILE A 501 2.74 -15.97 -28.83
CA ILE A 501 3.68 -17.05 -28.56
C ILE A 501 3.74 -17.90 -29.83
N LEU A 502 4.90 -17.94 -30.46
CA LEU A 502 5.01 -18.57 -31.79
C LEU A 502 4.96 -20.08 -31.73
N ALA A 503 4.30 -20.68 -32.71
CA ALA A 503 4.43 -22.11 -32.91
C ALA A 503 5.89 -22.46 -33.20
N PRO A 504 6.32 -23.67 -32.84
CA PRO A 504 7.66 -24.12 -33.24
C PRO A 504 7.75 -24.18 -34.75
N GLY A 505 8.83 -23.63 -35.30
CA GLY A 505 9.09 -23.64 -36.72
C GLY A 505 8.89 -22.30 -37.40
N PHE A 506 8.29 -21.32 -36.72
CA PHE A 506 8.08 -20.00 -37.27
C PHE A 506 8.96 -19.00 -36.54
N GLU A 507 9.86 -18.36 -37.26
CA GLU A 507 10.74 -17.36 -36.65
C GLU A 507 10.04 -16.02 -36.51
N GLY A 508 10.29 -15.35 -35.38
CA GLY A 508 9.66 -14.06 -35.14
C GLY A 508 10.33 -12.90 -35.84
N THR A 509 10.15 -12.80 -37.14
CA THR A 509 10.78 -11.76 -37.92
C THR A 509 9.80 -10.62 -38.17
N PRO A 510 10.30 -9.44 -38.58
CA PRO A 510 9.38 -8.39 -38.99
C PRO A 510 8.52 -8.78 -40.17
N GLU A 511 9.07 -9.57 -41.10
CA GLU A 511 8.24 -10.12 -42.17
C GLU A 511 7.05 -10.86 -41.59
N LEU A 512 7.31 -11.72 -40.61
CA LEU A 512 6.21 -12.46 -39.97
C LEU A 512 5.22 -11.50 -39.33
N ALA A 513 5.71 -10.46 -38.65
CA ALA A 513 4.83 -9.51 -37.99
C ALA A 513 3.92 -8.84 -39.00
N GLU A 514 4.50 -8.34 -40.09
CA GLU A 514 3.71 -7.75 -41.16
C GLU A 514 2.70 -8.76 -41.72
N GLU A 515 3.13 -10.00 -41.90
CA GLU A 515 2.22 -11.02 -42.39
C GLU A 515 1.02 -11.18 -41.45
N LEU A 516 1.28 -11.20 -40.13
CA LEU A 516 0.17 -11.37 -39.17
C LEU A 516 -0.76 -10.17 -39.18
N ALA A 517 -0.20 -8.96 -39.32
CA ALA A 517 -1.05 -7.77 -39.37
C ALA A 517 -1.97 -7.79 -40.59
N LEU A 518 -1.41 -8.09 -41.78
CA LEU A 518 -2.25 -8.22 -42.96
C LEU A 518 -3.33 -9.29 -42.74
N HIS A 519 -2.95 -10.41 -42.12
CA HIS A 519 -3.90 -11.50 -41.86
C HIS A 519 -5.08 -11.03 -41.00
N VAL A 520 -4.84 -10.18 -40.00
CA VAL A 520 -5.96 -9.64 -39.22
C VAL A 520 -6.80 -8.70 -40.08
N LYS A 521 -6.14 -7.86 -40.88
CA LYS A 521 -6.89 -6.97 -41.78
C LYS A 521 -7.92 -7.75 -42.57
N LYS A 522 -7.51 -8.88 -43.15
CA LYS A 522 -8.43 -9.60 -44.02
C LYS A 522 -9.47 -10.38 -43.21
N GLN A 523 -9.03 -11.10 -42.17
CA GLN A 523 -9.97 -11.91 -41.42
C GLN A 523 -10.94 -11.06 -40.61
N LEU A 524 -10.51 -9.89 -40.14
CA LEU A 524 -11.29 -9.13 -39.17
C LEU A 524 -11.74 -7.83 -39.82
N SER A 525 -11.03 -6.72 -39.65
CA SER A 525 -11.38 -5.47 -40.31
C SER A 525 -10.10 -4.67 -40.54
N ALA A 526 -10.23 -3.61 -41.31
CA ALA A 526 -9.08 -2.75 -41.53
C ALA A 526 -8.70 -1.99 -40.27
N HIS A 527 -9.59 -1.90 -39.30
CA HIS A 527 -9.35 -1.10 -38.12
C HIS A 527 -8.77 -1.90 -36.96
N ALA A 528 -8.98 -3.20 -36.93
CA ALA A 528 -8.62 -3.98 -35.76
C ALA A 528 -7.19 -4.50 -35.77
N TYR A 529 -6.50 -4.44 -36.90
CA TYR A 529 -5.22 -5.13 -36.99
C TYR A 529 -4.24 -4.54 -35.98
N PRO A 530 -3.36 -5.37 -35.41
CA PRO A 530 -2.37 -4.85 -34.46
C PRO A 530 -1.30 -4.03 -35.16
N ARG A 531 -1.08 -2.80 -34.67
CA ARG A 531 0.00 -1.97 -35.17
C ARG A 531 1.34 -2.35 -34.57
N GLN A 532 1.35 -3.08 -33.47
CA GLN A 532 2.60 -3.54 -32.87
C GLN A 532 2.41 -5.00 -32.50
N ILE A 533 3.46 -5.78 -32.74
CA ILE A 533 3.43 -7.21 -32.48
C ILE A 533 4.74 -7.54 -31.82
N ASP A 534 4.66 -8.07 -30.59
CA ASP A 534 5.81 -8.58 -29.86
C ASP A 534 5.69 -10.08 -29.83
N PHE A 535 6.80 -10.77 -30.10
CA PHE A 535 6.85 -12.21 -29.96
C PHE A 535 7.47 -12.54 -28.62
N VAL A 536 6.80 -13.40 -27.84
CA VAL A 536 7.19 -13.67 -26.47
C VAL A 536 7.17 -15.17 -26.22
N ALA A 537 7.90 -15.57 -25.18
CA ALA A 537 7.94 -16.95 -24.74
C ALA A 537 6.81 -17.32 -23.79
N GLU A 538 6.16 -16.33 -23.16
CA GLU A 538 5.11 -16.62 -22.20
C GLU A 538 4.23 -15.40 -21.98
N LEU A 539 2.99 -15.66 -21.56
CA LEU A 539 2.07 -14.61 -21.19
C LEU A 539 1.70 -14.72 -19.71
N PRO A 540 1.49 -13.60 -19.03
CA PRO A 540 1.07 -13.66 -17.62
C PRO A 540 -0.32 -14.27 -17.51
N LYS A 541 -0.46 -15.28 -16.65
CA LYS A 541 -1.73 -15.97 -16.51
C LYS A 541 -2.08 -16.20 -15.05
N THR A 542 -3.37 -16.34 -14.79
CA THR A 542 -3.87 -16.81 -13.51
C THR A 542 -3.63 -18.32 -13.41
N PRO A 543 -3.77 -18.90 -12.22
CA PRO A 543 -3.52 -20.35 -12.09
C PRO A 543 -4.37 -21.21 -13.00
N SER A 544 -5.52 -20.71 -13.46
CA SER A 544 -6.42 -21.51 -14.27
C SER A 544 -6.13 -21.37 -15.76
N GLY A 545 -5.37 -20.36 -16.14
CA GLY A 545 -4.98 -20.16 -17.52
C GLY A 545 -5.38 -18.83 -18.09
N LYS A 546 -6.29 -18.08 -17.45
CA LYS A 546 -6.74 -16.82 -18.05
C LYS A 546 -5.58 -15.85 -18.13
N ILE A 547 -5.52 -15.14 -19.25
CA ILE A 547 -4.40 -14.23 -19.52
C ILE A 547 -4.63 -12.93 -18.78
N GLN A 548 -3.61 -12.47 -18.06
CA GLN A 548 -3.72 -11.23 -17.29
C GLN A 548 -3.29 -10.08 -18.17
N ARG A 549 -4.20 -9.71 -19.09
CA ARG A 549 -3.87 -8.69 -20.07
C ARG A 549 -3.49 -7.38 -19.41
N PHE A 550 -4.09 -7.07 -18.23
CA PHE A 550 -3.79 -5.80 -17.58
C PHE A 550 -2.31 -5.69 -17.23
N LEU A 551 -1.64 -6.81 -16.96
CA LEU A 551 -0.21 -6.74 -16.68
C LEU A 551 0.58 -6.42 -17.95
N LEU A 552 0.15 -6.92 -19.09
CA LEU A 552 0.79 -6.52 -20.33
C LEU A 552 0.56 -5.04 -20.60
N ARG A 553 -0.65 -4.55 -20.29
CA ARG A 553 -0.94 -3.15 -20.58
C ARG A 553 -0.11 -2.22 -19.71
N LYS A 554 -0.02 -2.51 -18.40
CA LYS A 554 0.67 -1.59 -17.51
C LYS A 554 2.16 -1.55 -17.79
N ALA A 555 2.70 -2.63 -18.36
CA ALA A 555 4.12 -2.59 -18.72
C ALA A 555 4.33 -1.65 -19.89
N GLU A 556 3.36 -1.57 -20.81
CA GLU A 556 3.48 -0.60 -21.89
C GLU A 556 3.32 0.82 -21.38
N VAL A 557 2.54 1.03 -20.32
CA VAL A 557 2.40 2.37 -19.78
C VAL A 557 3.66 2.79 -19.03
N GLU A 558 4.27 1.87 -18.29
CA GLU A 558 5.49 2.19 -17.57
C GLU A 558 6.63 2.52 -18.52
N LYS A 559 6.64 1.88 -19.70
CA LYS A 559 7.67 2.12 -20.71
C LYS A 559 7.62 3.55 -21.23
N GLN A 560 6.43 4.16 -21.21
CA GLN A 560 6.33 5.55 -21.65
C GLN A 560 6.78 6.54 -20.59
N GLN A 561 6.80 6.14 -19.32
CA GLN A 561 7.18 7.03 -18.23
C GLN A 561 8.70 7.16 -18.12
CL CL B . 26.26 7.26 11.52
#